data_2Y2O
#
_entry.id   2Y2O
#
_cell.length_a   97.575
_cell.length_b   149.109
_cell.length_c   97.702
_cell.angle_alpha   90.00
_cell.angle_beta   90.00
_cell.angle_gamma   90.00
#
_symmetry.space_group_name_H-M   'C 2 2 21'
#
loop_
_entity.id
_entity.type
_entity.pdbx_description
1 polymer 'PENICILLIN-BINDING PROTEIN 1B'
2 non-polymer [(1S)-1-[(2,6-difluorophenyl)carbonylamino]ethyl]-trihydroxy-boron
3 non-polymer 'SULFATE ION'
4 non-polymer 'CHLORIDE ION'
5 non-polymer 'SODIUM ION'
6 water water
#
_entity_poly.entity_id   1
_entity_poly.type   'polypeptide(L)'
_entity_poly.pdbx_seq_one_letter_code
;DISSISEITYSDGTVIASIESDLLRQDFLPSGTVTGISRDYLYFTTLAEAQERMYDYLAQRDNVSAKELKNEATQKFYRD
LAAKEIENGGYKITTTIDQKIHSAMQSAVADYGYLLDDGTGRVEVGNVLMDNQTGAILGFVGGRNYQENQNNHAFDTKRS
PASTTKPLLAYGIAIDQGLMGSETILSNYPTNFANGNPIMYANSKGTGMMTLGEALNYSWNIPAYWTYRMLRENGVDVKG
YMEKMGYEIPEYGIESLPMGGGIEVTVAQHTNGYQTLANNGVYHQKHVISKIEAADGRVVYEYQDKPVQVYSKATATIMQ
GLLREVLSSRVTTTFKSNLTSLNPTLANADWIGKTGTTGQDENMWLMLSTPRLTLGGWIGHDDNHSLSQQAGYSNNSNYM
AHLVNAIQQASPSIWGNERFALDPSVVKSEVLKSTGQKPGKVSVEGKEVEVTGSTVTSYWANKSGAPATSYRFAIGGSDA
DYQNAWSSIVGSLP
;
_entity_poly.pdbx_strand_id   A
#
loop_
_chem_comp.id
_chem_comp.type
_chem_comp.name
_chem_comp.formula
CL non-polymer 'CHLORIDE ION' 'Cl -1'
EO9 non-polymer [(1S)-1-[(2,6-difluorophenyl)carbonylamino]ethyl]-trihydroxy-boron 'C9 H11 B F2 N O4 -1'
NA non-polymer 'SODIUM ION' 'Na 1'
SO4 non-polymer 'SULFATE ION' 'O4 S -2'
#
# COMPACT_ATOMS: atom_id res chain seq x y z
N ILE A 5 21.88 33.10 -2.19
CA ILE A 5 20.54 32.51 -2.56
C ILE A 5 20.47 30.98 -2.42
N SER A 6 19.55 30.48 -1.62
CA SER A 6 19.28 29.04 -1.56
C SER A 6 18.51 28.57 -2.80
N GLU A 7 18.86 27.38 -3.30
CA GLU A 7 18.10 26.75 -4.36
C GLU A 7 17.57 25.36 -3.97
N ILE A 8 16.35 25.05 -4.42
CA ILE A 8 15.84 23.66 -4.41
C ILE A 8 15.96 23.08 -5.83
N THR A 9 16.54 21.87 -5.92
CA THR A 9 16.81 21.28 -7.23
C THR A 9 16.14 19.92 -7.43
N TYR A 10 15.83 19.62 -8.69
CA TYR A 10 15.50 18.27 -9.13
C TYR A 10 16.70 17.34 -8.91
N SER A 11 16.47 16.04 -9.08
CA SER A 11 17.49 15.06 -8.75
C SER A 11 18.76 15.15 -9.62
N ASP A 12 18.65 15.75 -10.82
CA ASP A 12 19.81 15.98 -11.69
C ASP A 12 20.49 17.37 -11.54
N GLY A 13 20.03 18.18 -10.59
CA GLY A 13 20.69 19.46 -10.27
C GLY A 13 19.97 20.69 -10.80
N THR A 14 19.26 20.55 -11.92
CA THR A 14 18.33 21.56 -12.39
C THR A 14 17.50 22.16 -11.24
N VAL A 15 17.41 23.49 -11.26
CA VAL A 15 16.83 24.26 -10.16
C VAL A 15 15.32 24.27 -10.27
N ILE A 16 14.67 24.06 -9.13
CA ILE A 16 13.23 24.18 -9.04
C ILE A 16 12.88 25.61 -8.71
N ALA A 17 13.49 26.16 -7.66
CA ALA A 17 13.29 27.58 -7.37
C ALA A 17 14.45 28.10 -6.49
N SER A 18 14.58 29.43 -6.43
CA SER A 18 15.23 30.08 -5.29
C SER A 18 14.25 30.28 -4.11
N ILE A 19 14.78 30.26 -2.88
CA ILE A 19 13.95 30.58 -1.73
C ILE A 19 14.12 32.06 -1.39
N SER A 38 7.32 27.83 -7.71
CA SER A 38 7.32 28.51 -6.40
C SER A 38 5.94 28.82 -5.79
N ARG A 39 4.84 28.65 -6.55
CA ARG A 39 3.50 28.53 -5.90
C ARG A 39 2.75 27.26 -6.26
N ASP A 40 3.40 26.13 -6.05
CA ASP A 40 2.69 24.88 -6.13
C ASP A 40 3.13 23.94 -5.02
N TYR A 41 2.47 22.78 -5.00
CA TYR A 41 2.86 21.70 -4.11
C TYR A 41 4.36 21.38 -4.04
N LEU A 42 5.01 21.26 -5.21
CA LEU A 42 6.43 20.88 -5.23
C LEU A 42 7.25 21.80 -4.29
N TYR A 43 7.07 23.11 -4.45
CA TYR A 43 7.85 24.08 -3.71
C TYR A 43 7.60 23.94 -2.20
N PHE A 44 6.33 24.07 -1.81
CA PHE A 44 5.97 24.01 -0.40
C PHE A 44 6.30 22.67 0.28
N THR A 45 6.20 21.57 -0.46
CA THR A 45 6.47 20.21 0.09
C THR A 45 7.95 20.00 0.29
N THR A 46 8.75 20.35 -0.73
CA THR A 46 10.19 20.19 -0.61
C THR A 46 10.78 21.24 0.38
N LEU A 47 10.27 22.46 0.36
CA LEU A 47 10.70 23.46 1.37
C LEU A 47 10.40 22.97 2.82
N ALA A 48 9.17 22.53 3.07
CA ALA A 48 8.80 21.99 4.40
C ALA A 48 9.74 20.89 4.87
N GLU A 49 10.01 19.91 4.02
CA GLU A 49 10.86 18.79 4.45
C GLU A 49 12.28 19.27 4.76
N ALA A 50 12.79 20.18 3.93
CA ALA A 50 14.12 20.77 4.11
C ALA A 50 14.23 21.56 5.41
N GLN A 51 13.19 22.33 5.73
CA GLN A 51 13.12 23.06 6.99
C GLN A 51 13.17 22.10 8.16
N GLU A 52 12.47 20.96 8.03
CA GLU A 52 12.56 19.95 9.06
C GLU A 52 14.00 19.43 9.20
N ARG A 53 14.67 19.18 8.09
CA ARG A 53 16.04 18.65 8.20
C ARG A 53 17.01 19.72 8.71
N MET A 54 16.74 20.98 8.34
CA MET A 54 17.52 22.09 8.88
C MET A 54 17.32 22.26 10.38
N TYR A 55 16.09 22.05 10.86
CA TYR A 55 15.77 22.20 12.27
C TYR A 55 16.66 21.25 13.03
N ASP A 56 16.74 20.01 12.58
CA ASP A 56 17.49 19.00 13.33
C ASP A 56 18.98 19.29 13.33
N TYR A 57 19.49 19.75 12.19
CA TYR A 57 20.91 20.07 12.06
C TYR A 57 21.30 21.20 13.01
N LEU A 58 20.44 22.23 13.07
CA LEU A 58 20.74 23.48 13.77
C LEU A 58 20.71 23.27 15.28
N ALA A 59 19.77 22.46 15.74
CA ALA A 59 19.61 22.15 17.16
C ALA A 59 20.81 21.35 17.64
N GLN A 60 21.23 20.35 16.84
CA GLN A 60 22.46 19.61 17.12
CA GLN A 60 22.45 19.63 17.14
C GLN A 60 23.70 20.54 17.11
N ARG A 61 23.86 21.31 16.04
CA ARG A 61 24.92 22.31 15.95
C ARG A 61 25.00 23.18 17.21
N ASP A 62 23.86 23.72 17.66
CA ASP A 62 23.85 24.59 18.81
C ASP A 62 23.94 23.85 20.13
N ASN A 63 24.08 22.52 20.08
CA ASN A 63 24.26 21.71 21.30
C ASN A 63 23.01 21.73 22.16
N VAL A 64 21.85 21.70 21.53
CA VAL A 64 20.60 21.71 22.25
C VAL A 64 20.24 20.28 22.52
N SER A 65 20.23 19.90 23.80
CA SER A 65 19.84 18.54 24.20
C SER A 65 18.42 18.22 23.75
N ALA A 66 18.11 16.93 23.64
CA ALA A 66 16.75 16.52 23.29
C ALA A 66 15.78 16.89 24.41
N LYS A 67 16.31 17.03 25.63
CA LYS A 67 15.54 17.50 26.77
C LYS A 67 15.12 18.94 26.59
N GLU A 68 16.08 19.81 26.26
CA GLU A 68 15.74 21.21 26.01
C GLU A 68 14.86 21.32 24.76
N LEU A 69 15.04 20.39 23.84
CA LEU A 69 14.21 20.36 22.65
C LEU A 69 12.75 20.09 22.97
N LYS A 70 12.46 19.59 24.18
CA LYS A 70 11.06 19.36 24.57
C LYS A 70 10.35 20.69 24.85
N ASN A 71 11.11 21.69 25.29
CA ASN A 71 10.54 23.01 25.54
C ASN A 71 9.89 23.65 24.32
N GLU A 72 8.63 24.08 24.46
CA GLU A 72 7.84 24.48 23.27
C GLU A 72 8.26 25.85 22.72
N ALA A 73 8.71 26.72 23.62
CA ALA A 73 9.30 27.98 23.20
C ALA A 73 10.62 27.78 22.44
N THR A 74 11.47 26.91 22.96
CA THR A 74 12.64 26.45 22.20
C THR A 74 12.34 25.80 20.84
N GLN A 75 11.35 24.91 20.78
CA GLN A 75 10.99 24.35 19.47
C GLN A 75 10.61 25.44 18.46
N LYS A 76 9.77 26.37 18.91
CA LYS A 76 9.27 27.41 18.04
C LYS A 76 10.43 28.24 17.47
N PHE A 77 11.38 28.61 18.31
CA PHE A 77 12.54 29.39 17.89
C PHE A 77 13.40 28.66 16.85
N TYR A 78 13.65 27.38 17.09
CA TYR A 78 14.46 26.60 16.17
C TYR A 78 13.78 26.34 14.82
N ARG A 79 12.44 26.22 14.81
CA ARG A 79 11.67 26.12 13.55
CA ARG A 79 11.73 26.10 13.55
C ARG A 79 11.79 27.40 12.74
N ASP A 80 11.63 28.54 13.40
CA ASP A 80 11.81 29.80 12.67
C ASP A 80 13.27 29.98 12.23
N LEU A 81 14.22 29.56 13.06
CA LEU A 81 15.61 29.67 12.64
C LEU A 81 15.90 28.89 11.35
N ALA A 82 15.39 27.66 11.28
CA ALA A 82 15.59 26.77 10.14
C ALA A 82 15.00 27.42 8.90
N ALA A 83 13.82 28.01 9.06
CA ALA A 83 13.17 28.70 7.96
C ALA A 83 13.99 29.87 7.44
N LYS A 84 14.49 30.71 8.35
CA LYS A 84 15.22 31.89 7.96
C LYS A 84 16.59 31.51 7.41
N GLU A 85 17.19 30.48 7.98
CA GLU A 85 18.50 29.99 7.58
C GLU A 85 18.49 29.64 6.08
N ILE A 86 17.40 29.02 5.65
CA ILE A 86 17.21 28.76 4.23
C ILE A 86 16.93 30.04 3.42
N GLU A 87 15.90 30.79 3.81
CA GLU A 87 15.63 32.06 3.14
C GLU A 87 16.89 32.85 2.84
N ASN A 88 17.78 32.97 3.83
CA ASN A 88 18.93 33.87 3.71
C ASN A 88 20.18 33.23 3.14
N GLY A 89 20.42 31.96 3.48
CA GLY A 89 21.71 31.30 3.25
C GLY A 89 21.97 30.97 1.78
N GLY A 90 23.01 30.19 1.53
CA GLY A 90 23.27 29.79 0.16
C GLY A 90 23.13 28.30 -0.06
N TYR A 91 22.19 27.69 0.65
CA TYR A 91 22.07 26.22 0.71
C TYR A 91 21.61 25.62 -0.60
N LYS A 92 22.21 24.50 -0.99
CA LYS A 92 21.73 23.71 -2.09
C LYS A 92 20.96 22.48 -1.60
N ILE A 93 19.67 22.41 -1.94
CA ILE A 93 18.82 21.32 -1.49
C ILE A 93 18.51 20.41 -2.69
N THR A 94 19.03 19.19 -2.62
CA THR A 94 18.83 18.21 -3.67
C THR A 94 17.62 17.34 -3.32
N THR A 95 16.56 17.47 -4.14
CA THR A 95 15.42 16.59 -4.00
C THR A 95 15.61 15.33 -4.83
N THR A 96 14.67 14.39 -4.68
CA THR A 96 14.62 13.16 -5.44
C THR A 96 13.75 13.34 -6.66
N ILE A 97 13.03 14.46 -6.72
CA ILE A 97 12.02 14.67 -7.75
C ILE A 97 12.62 14.64 -9.16
N ASP A 98 11.98 13.85 -10.04
CA ASP A 98 12.30 13.82 -11.48
C ASP A 98 11.50 14.87 -12.29
N GLN A 99 12.19 15.84 -12.91
CA GLN A 99 11.51 17.01 -13.48
C GLN A 99 10.50 16.61 -14.55
N LYS A 100 10.93 15.79 -15.50
CA LYS A 100 10.02 15.38 -16.55
C LYS A 100 8.87 14.58 -15.96
N ILE A 101 9.17 13.73 -15.00
CA ILE A 101 8.11 12.91 -14.45
C ILE A 101 7.07 13.71 -13.67
N HIS A 102 7.57 14.57 -12.79
CA HIS A 102 6.69 15.37 -11.97
C HIS A 102 5.82 16.36 -12.79
N SER A 103 6.43 17.03 -13.77
CA SER A 103 5.69 17.82 -14.73
C SER A 103 4.59 17.07 -15.46
N ALA A 104 4.90 15.91 -16.04
CA ALA A 104 3.91 15.09 -16.68
C ALA A 104 2.77 14.80 -15.74
N MET A 105 3.10 14.63 -14.46
CA MET A 105 2.08 14.21 -13.52
C MET A 105 1.14 15.39 -13.21
N GLN A 106 1.71 16.59 -13.16
CA GLN A 106 0.93 17.82 -13.02
C GLN A 106 0.05 18.06 -14.24
N SER A 107 0.61 17.89 -15.43
CA SER A 107 -0.21 18.12 -16.62
C SER A 107 -1.35 17.13 -16.66
N ALA A 108 -1.08 15.93 -16.17
CA ALA A 108 -2.09 14.85 -16.17
C ALA A 108 -3.29 15.18 -15.29
N VAL A 109 -2.98 15.57 -14.05
CA VAL A 109 -4.02 15.94 -13.14
C VAL A 109 -4.80 17.18 -13.63
N ALA A 110 -4.12 18.16 -14.24
CA ALA A 110 -4.80 19.34 -14.77
C ALA A 110 -5.73 18.93 -15.93
N ASP A 111 -5.22 18.07 -16.82
CA ASP A 111 -5.99 17.64 -17.99
C ASP A 111 -7.09 16.61 -17.72
N TYR A 112 -6.82 15.66 -16.82
CA TYR A 112 -7.68 14.49 -16.68
C TYR A 112 -8.34 14.37 -15.32
N GLY A 113 -8.02 15.30 -14.44
CA GLY A 113 -8.54 15.24 -13.07
C GLY A 113 -10.06 15.33 -13.04
N TYR A 114 -10.63 16.01 -14.03
CA TYR A 114 -12.10 16.13 -14.11
C TYR A 114 -12.78 14.78 -14.26
N LEU A 115 -12.02 13.77 -14.65
CA LEU A 115 -12.52 12.41 -14.81
C LEU A 115 -12.85 11.80 -13.47
N LEU A 116 -12.33 12.39 -12.39
CA LEU A 116 -12.65 11.90 -11.03
C LEU A 116 -14.06 12.34 -10.57
N ASP A 117 -14.59 13.43 -11.13
CA ASP A 117 -15.87 13.96 -10.64
C ASP A 117 -17.09 13.06 -10.92
N ASP A 118 -17.74 12.55 -9.89
CA ASP A 118 -18.66 11.40 -10.05
C ASP A 118 -20.06 11.83 -9.61
N GLY A 119 -20.29 13.13 -9.58
CA GLY A 119 -21.60 13.67 -9.24
C GLY A 119 -21.84 13.74 -7.74
N THR A 120 -20.77 13.64 -6.95
CA THR A 120 -20.80 13.89 -5.50
C THR A 120 -20.00 15.14 -5.10
N GLY A 121 -19.86 16.08 -6.04
CA GLY A 121 -19.09 17.32 -5.84
C GLY A 121 -17.66 17.16 -6.34
N ARG A 122 -16.85 18.20 -6.21
CA ARG A 122 -15.47 18.11 -6.64
C ARG A 122 -14.73 17.04 -5.85
N VAL A 123 -14.05 16.18 -6.58
CA VAL A 123 -13.27 15.08 -6.02
C VAL A 123 -11.78 15.42 -5.91
N GLU A 124 -11.26 15.36 -4.69
CA GLU A 124 -9.81 15.49 -4.45
C GLU A 124 -9.01 14.19 -4.63
N VAL A 125 -7.69 14.34 -4.70
CA VAL A 125 -6.80 13.29 -5.18
C VAL A 125 -5.39 13.52 -4.65
N GLY A 126 -4.72 12.42 -4.31
CA GLY A 126 -3.31 12.47 -4.01
C GLY A 126 -2.63 11.27 -4.61
N ASN A 127 -1.44 11.50 -5.13
CA ASN A 127 -0.66 10.41 -5.68
C ASN A 127 0.81 10.55 -5.31
N VAL A 128 1.47 9.40 -5.18
CA VAL A 128 2.94 9.37 -4.97
C VAL A 128 3.60 8.24 -5.80
N LEU A 129 4.61 8.63 -6.58
CA LEU A 129 5.40 7.69 -7.39
C LEU A 129 6.76 7.50 -6.74
N MET A 130 7.06 6.25 -6.45
CA MET A 130 8.21 5.89 -5.64
C MET A 130 9.11 4.82 -6.33
N ASP A 131 10.42 5.01 -6.28
CA ASP A 131 11.36 4.00 -6.78
C ASP A 131 11.47 2.84 -5.77
N ASN A 132 11.15 1.62 -6.21
CA ASN A 132 11.05 0.48 -5.31
C ASN A 132 12.39 0.11 -4.66
N GLN A 133 13.48 0.37 -5.40
CA GLN A 133 14.80 0.02 -4.88
CA GLN A 133 14.84 0.04 -4.95
C GLN A 133 15.45 1.09 -3.99
N THR A 134 14.92 2.32 -3.96
CA THR A 134 15.50 3.34 -3.08
C THR A 134 14.56 3.98 -2.02
N GLY A 135 13.26 3.88 -2.23
CA GLY A 135 12.31 4.70 -1.48
C GLY A 135 12.23 6.15 -1.97
N ALA A 136 13.07 6.55 -2.94
CA ALA A 136 13.01 7.92 -3.45
C ALA A 136 11.66 8.23 -4.11
N ILE A 137 11.17 9.45 -3.91
CA ILE A 137 9.89 9.86 -4.51
C ILE A 137 10.13 10.69 -5.76
N LEU A 138 9.72 10.15 -6.92
CA LEU A 138 10.14 10.71 -8.18
C LEU A 138 9.20 11.81 -8.61
N GLY A 139 7.96 11.76 -8.13
CA GLY A 139 6.99 12.80 -8.45
C GLY A 139 5.73 12.52 -7.66
N PHE A 140 4.81 13.48 -7.62
CA PHE A 140 3.57 13.26 -6.88
C PHE A 140 2.51 14.24 -7.32
N VAL A 141 1.29 13.94 -6.91
CA VAL A 141 0.15 14.82 -7.16
C VAL A 141 -0.44 15.21 -5.81
N GLY A 142 -0.38 16.50 -5.47
CA GLY A 142 -0.90 16.96 -4.19
C GLY A 142 -2.39 17.28 -4.14
N GLY A 143 -3.01 17.44 -5.30
CA GLY A 143 -4.43 17.79 -5.38
C GLY A 143 -4.79 18.23 -6.78
N ARG A 144 -6.07 18.59 -6.96
CA ARG A 144 -6.62 18.97 -8.27
C ARG A 144 -6.00 20.26 -8.79
N ASN A 145 -5.70 21.18 -7.87
CA ASN A 145 -5.27 22.52 -8.26
C ASN A 145 -4.92 23.40 -7.05
N TYR A 146 -3.61 23.57 -6.84
CA TYR A 146 -3.11 24.27 -5.63
C TYR A 146 -3.76 25.63 -5.47
N GLN A 147 -3.99 26.29 -6.60
CA GLN A 147 -4.54 27.64 -6.62
C GLN A 147 -5.93 27.72 -6.03
N GLU A 148 -6.65 26.59 -5.99
CA GLU A 148 -8.03 26.57 -5.49
C GLU A 148 -8.13 25.90 -4.14
N ASN A 149 -7.24 24.95 -3.86
CA ASN A 149 -7.21 24.24 -2.56
C ASN A 149 -5.79 23.73 -2.33
N GLN A 150 -5.20 24.20 -1.23
CA GLN A 150 -3.77 24.02 -1.03
CA GLN A 150 -3.77 24.03 -1.00
C GLN A 150 -3.46 22.77 -0.20
N ASN A 151 -4.50 22.13 0.33
CA ASN A 151 -4.28 20.92 1.11
C ASN A 151 -3.45 19.93 0.33
N ASN A 152 -2.38 19.45 0.95
CA ASN A 152 -1.54 18.45 0.29
C ASN A 152 -2.03 17.03 0.58
N HIS A 153 -2.69 16.43 -0.41
CA HIS A 153 -3.25 15.10 -0.28
C HIS A 153 -2.23 13.98 -0.54
N ALA A 154 -1.01 14.33 -0.92
CA ALA A 154 0.02 13.30 -1.03
C ALA A 154 0.77 13.12 0.28
N PHE A 155 0.99 14.21 1.01
CA PHE A 155 1.89 14.19 2.17
C PHE A 155 1.29 14.53 3.53
N ASP A 156 0.17 15.26 3.54
CA ASP A 156 -0.42 15.77 4.79
C ASP A 156 -1.68 15.03 5.22
N THR A 157 -2.58 14.75 4.30
CA THR A 157 -3.89 14.25 4.73
C THR A 157 -3.83 12.77 5.08
N LYS A 158 -4.47 12.39 6.17
CA LYS A 158 -4.48 10.99 6.55
C LYS A 158 -5.88 10.45 6.50
N ARG A 159 -6.01 9.30 5.82
CA ARG A 159 -7.30 8.69 5.61
C ARG A 159 -7.13 7.19 5.87
N SER A 160 -8.22 6.49 6.17
CA SER A 160 -8.17 5.04 6.23
C SER A 160 -7.75 4.41 4.86
N PRO A 161 -6.78 3.47 4.86
CA PRO A 161 -6.37 2.80 3.61
C PRO A 161 -7.33 1.62 3.25
N ALA A 162 -8.25 1.31 4.16
CA ALA A 162 -9.33 0.36 3.87
C ALA A 162 -8.77 -0.98 3.38
N SER A 163 -9.28 -1.54 2.28
CA SER A 163 -8.91 -2.91 1.95
C SER A 163 -7.51 -3.09 1.44
N THR A 164 -6.85 -1.98 1.13
CA THR A 164 -5.44 -2.08 0.74
C THR A 164 -4.58 -2.45 1.93
N THR A 165 -5.20 -2.54 3.11
CA THR A 165 -4.49 -3.00 4.33
C THR A 165 -4.29 -4.50 4.27
N LYS A 166 -5.12 -5.22 3.52
CA LYS A 166 -5.19 -6.68 3.69
C LYS A 166 -3.92 -7.43 3.28
N PRO A 167 -3.33 -7.10 2.12
CA PRO A 167 -2.08 -7.78 1.73
C PRO A 167 -0.97 -7.58 2.77
N LEU A 168 -0.89 -6.39 3.35
CA LEU A 168 0.15 -6.06 4.34
C LEU A 168 -0.08 -6.72 5.70
N LEU A 169 -1.28 -6.59 6.22
CA LEU A 169 -1.48 -6.82 7.63
C LEU A 169 -2.10 -8.17 7.90
N ALA A 170 -2.88 -8.69 6.95
CA ALA A 170 -3.52 -9.98 7.20
C ALA A 170 -2.82 -11.09 6.45
N TYR A 171 -2.99 -11.08 5.13
CA TYR A 171 -2.53 -12.19 4.30
C TYR A 171 -1.01 -12.25 4.24
N GLY A 172 -0.36 -11.11 4.09
CA GLY A 172 1.11 -11.11 3.96
C GLY A 172 1.75 -11.70 5.20
N ILE A 173 1.22 -11.36 6.35
CA ILE A 173 1.84 -11.83 7.58
C ILE A 173 1.49 -13.30 7.85
N ALA A 174 0.29 -13.69 7.47
CA ALA A 174 -0.13 -15.08 7.65
C ALA A 174 0.82 -16.01 6.86
N ILE A 175 1.01 -15.67 5.58
CA ILE A 175 1.97 -16.32 4.70
C ILE A 175 3.40 -16.36 5.26
N ASP A 176 3.93 -15.19 5.64
CA ASP A 176 5.27 -15.06 6.23
C ASP A 176 5.43 -15.88 7.50
N GLN A 177 4.35 -16.03 8.25
CA GLN A 177 4.35 -16.88 9.44
C GLN A 177 4.07 -18.34 9.15
N GLY A 178 3.89 -18.68 7.88
CA GLY A 178 3.65 -20.08 7.56
C GLY A 178 2.28 -20.52 8.06
N LEU A 179 1.32 -19.61 8.07
CA LEU A 179 -0.01 -19.98 8.56
C LEU A 179 -1.00 -20.12 7.43
N MET A 180 -0.54 -19.85 6.22
CA MET A 180 -1.33 -20.09 5.03
C MET A 180 -0.42 -20.02 3.81
N GLY A 181 -0.91 -20.51 2.68
CA GLY A 181 -0.20 -20.42 1.42
C GLY A 181 -1.12 -19.92 0.33
N SER A 182 -0.61 -19.85 -0.89
CA SER A 182 -1.27 -19.14 -1.99
C SER A 182 -2.67 -19.69 -2.33
N GLU A 183 -2.91 -20.97 -2.05
CA GLU A 183 -4.20 -21.60 -2.33
C GLU A 183 -4.94 -22.07 -1.07
N THR A 184 -4.51 -21.58 0.09
CA THR A 184 -5.21 -21.89 1.36
C THR A 184 -6.70 -21.49 1.23
N ILE A 185 -7.62 -22.31 1.74
CA ILE A 185 -9.05 -21.90 1.82
C ILE A 185 -9.43 -20.99 3.03
N LEU A 186 -10.30 -20.00 2.82
CA LEU A 186 -10.87 -19.18 3.91
C LEU A 186 -12.39 -19.13 3.89
N SER A 187 -12.96 -18.90 5.06
CA SER A 187 -14.42 -18.79 5.21
C SER A 187 -14.89 -17.38 4.89
N ASN A 188 -15.80 -17.24 3.93
CA ASN A 188 -16.60 -16.02 3.75
C ASN A 188 -18.03 -16.28 4.16
N TYR A 189 -18.23 -17.30 4.97
CA TYR A 189 -19.54 -17.51 5.55
C TYR A 189 -19.94 -16.33 6.43
N PRO A 190 -21.24 -16.06 6.49
CA PRO A 190 -21.77 -15.01 7.36
C PRO A 190 -21.24 -15.06 8.81
N THR A 191 -20.89 -13.90 9.35
CA THR A 191 -20.45 -13.78 10.73
C THR A 191 -20.55 -12.35 11.27
N ASN A 192 -20.56 -12.21 12.59
CA ASN A 192 -20.76 -10.90 13.24
C ASN A 192 -19.54 -10.37 13.94
N PHE A 193 -19.45 -9.06 14.09
CA PHE A 193 -18.48 -8.47 14.99
C PHE A 193 -18.91 -8.81 16.41
N ALA A 194 -18.03 -8.57 17.37
CA ALA A 194 -18.35 -8.96 18.76
C ALA A 194 -19.63 -8.30 19.25
N ASN A 195 -19.89 -7.08 18.78
CA ASN A 195 -21.11 -6.38 19.16
C ASN A 195 -22.36 -7.02 18.54
N GLY A 196 -22.20 -8.02 17.68
CA GLY A 196 -23.38 -8.74 17.17
C GLY A 196 -23.83 -8.32 15.77
N ASN A 197 -23.26 -7.23 15.27
CA ASN A 197 -23.50 -6.72 13.93
C ASN A 197 -22.86 -7.58 12.84
N PRO A 198 -23.56 -7.72 11.72
CA PRO A 198 -23.07 -8.45 10.55
C PRO A 198 -21.80 -7.85 9.94
N ILE A 199 -20.85 -8.70 9.61
CA ILE A 199 -19.69 -8.21 8.87
C ILE A 199 -20.14 -8.07 7.42
N MET A 200 -20.14 -6.84 6.91
CA MET A 200 -20.69 -6.57 5.58
C MET A 200 -19.63 -6.43 4.52
N TYR A 201 -19.99 -6.87 3.33
CA TYR A 201 -19.23 -6.44 2.16
C TYR A 201 -20.19 -5.90 1.14
N ALA A 202 -20.08 -4.61 0.84
CA ALA A 202 -21.23 -3.84 0.36
C ALA A 202 -22.51 -4.27 1.10
N ASN A 203 -23.57 -4.54 0.35
CA ASN A 203 -24.84 -4.93 0.96
C ASN A 203 -24.91 -6.43 0.94
N SER A 204 -23.78 -7.07 0.66
CA SER A 204 -23.72 -8.51 0.83
C SER A 204 -23.32 -8.86 2.27
N LYS A 205 -23.86 -9.96 2.80
CA LYS A 205 -23.45 -10.43 4.11
C LYS A 205 -22.65 -11.73 4.08
N GLY A 206 -22.19 -12.14 2.88
CA GLY A 206 -21.18 -13.22 2.76
C GLY A 206 -21.64 -14.43 1.96
N THR A 207 -20.76 -15.39 1.73
CA THR A 207 -21.12 -16.55 0.91
C THR A 207 -20.72 -17.87 1.58
N GLY A 208 -19.74 -18.55 1.00
CA GLY A 208 -19.21 -19.82 1.55
C GLY A 208 -17.68 -19.79 1.56
N MET A 209 -17.04 -20.95 1.46
CA MET A 209 -15.57 -21.01 1.43
C MET A 209 -15.03 -20.47 0.12
N MET A 210 -13.72 -20.17 0.09
CA MET A 210 -13.12 -19.64 -1.11
C MET A 210 -11.59 -19.55 -0.94
N THR A 211 -10.86 -19.62 -2.04
CA THR A 211 -9.41 -19.54 -1.99
C THR A 211 -8.98 -18.11 -1.63
N LEU A 212 -7.72 -17.98 -1.23
CA LEU A 212 -7.13 -16.67 -1.03
C LEU A 212 -7.23 -15.78 -2.26
N GLY A 213 -6.98 -16.36 -3.43
CA GLY A 213 -7.19 -15.68 -4.72
C GLY A 213 -8.54 -15.00 -4.82
N GLU A 214 -9.61 -15.74 -4.56
CA GLU A 214 -10.91 -15.14 -4.68
C GLU A 214 -11.16 -14.07 -3.61
N ALA A 215 -10.66 -14.32 -2.39
CA ALA A 215 -10.82 -13.36 -1.30
C ALA A 215 -10.18 -12.03 -1.68
N LEU A 216 -8.98 -12.12 -2.24
CA LEU A 216 -8.26 -10.95 -2.72
C LEU A 216 -8.85 -10.30 -3.97
N ASN A 217 -9.19 -11.10 -4.99
CA ASN A 217 -9.67 -10.53 -6.23
C ASN A 217 -10.95 -9.74 -5.97
N TYR A 218 -11.79 -10.29 -5.07
CA TYR A 218 -13.06 -9.65 -4.72
C TYR A 218 -12.96 -8.72 -3.54
N SER A 219 -11.93 -8.90 -2.72
CA SER A 219 -11.72 -8.00 -1.57
C SER A 219 -12.82 -8.18 -0.53
N TRP A 220 -13.21 -9.43 -0.36
CA TRP A 220 -14.18 -9.81 0.63
C TRP A 220 -13.65 -9.50 2.02
N ASN A 221 -14.54 -9.36 3.01
CA ASN A 221 -14.13 -8.88 4.32
C ASN A 221 -14.00 -9.99 5.33
N ILE A 222 -15.01 -10.86 5.40
CA ILE A 222 -14.93 -11.97 6.35
C ILE A 222 -13.58 -12.75 6.31
N PRO A 223 -13.07 -13.14 5.14
CA PRO A 223 -11.79 -13.85 5.12
C PRO A 223 -10.66 -13.03 5.74
N ALA A 224 -10.69 -11.72 5.60
CA ALA A 224 -9.65 -10.90 6.22
C ALA A 224 -9.77 -10.84 7.74
N TYR A 225 -11.00 -10.70 8.22
CA TYR A 225 -11.32 -10.81 9.63
C TYR A 225 -10.75 -12.08 10.24
N TRP A 226 -11.00 -13.22 9.60
CA TRP A 226 -10.66 -14.50 10.24
C TRP A 226 -9.14 -14.65 10.23
N THR A 227 -8.52 -14.23 9.15
CA THR A 227 -7.07 -14.21 9.06
C THR A 227 -6.45 -13.43 10.21
N TYR A 228 -6.96 -12.23 10.51
CA TYR A 228 -6.33 -11.43 11.56
C TYR A 228 -6.63 -11.98 12.97
N ARG A 229 -7.76 -12.67 13.08
CA ARG A 229 -8.05 -13.41 14.29
C ARG A 229 -7.04 -14.51 14.54
N MET A 230 -6.72 -15.25 13.49
CA MET A 230 -5.72 -16.29 13.59
C MET A 230 -4.33 -15.74 13.96
N LEU A 231 -3.96 -14.59 13.40
CA LEU A 231 -2.72 -13.94 13.84
C LEU A 231 -2.73 -13.62 15.35
N ARG A 232 -3.84 -13.07 15.84
CA ARG A 232 -4.01 -12.75 17.24
C ARG A 232 -3.94 -14.03 18.09
N GLU A 233 -4.61 -15.08 17.64
CA GLU A 233 -4.70 -16.30 18.40
C GLU A 233 -3.31 -16.91 18.58
N ASN A 234 -2.49 -16.76 17.57
CA ASN A 234 -1.12 -17.28 17.54
C ASN A 234 -0.07 -16.37 18.17
N GLY A 235 -0.52 -15.29 18.79
CA GLY A 235 0.39 -14.28 19.35
C GLY A 235 1.40 -13.62 18.42
N VAL A 236 1.09 -13.53 17.13
CA VAL A 236 2.03 -12.96 16.16
C VAL A 236 2.36 -11.48 16.41
N ASP A 237 3.63 -11.12 16.28
CA ASP A 237 4.02 -9.73 16.48
C ASP A 237 3.68 -8.83 15.25
N VAL A 238 2.40 -8.49 15.07
CA VAL A 238 1.96 -7.75 13.90
C VAL A 238 2.52 -6.33 13.91
N LYS A 239 2.50 -5.69 15.07
CA LYS A 239 3.08 -4.36 15.30
C LYS A 239 4.53 -4.25 14.77
N GLY A 240 5.27 -5.34 14.94
CA GLY A 240 6.66 -5.42 14.45
C GLY A 240 6.79 -5.30 12.95
N TYR A 241 5.98 -6.04 12.21
CA TYR A 241 5.93 -5.84 10.76
C TYR A 241 5.58 -4.42 10.41
N MET A 242 4.54 -3.90 11.05
CA MET A 242 3.98 -2.63 10.58
C MET A 242 4.92 -1.45 10.87
N GLU A 243 5.54 -1.47 12.05
CA GLU A 243 6.43 -0.40 12.47
C GLU A 243 7.74 -0.42 11.69
N LYS A 244 8.18 -1.60 11.28
CA LYS A 244 9.36 -1.70 10.40
C LYS A 244 9.16 -0.98 9.08
N MET A 245 7.91 -0.74 8.73
CA MET A 245 7.61 -0.04 7.49
C MET A 245 7.16 1.38 7.75
N GLY A 246 7.21 1.81 9.01
CA GLY A 246 6.91 3.20 9.37
C GLY A 246 5.45 3.54 9.59
N TYR A 247 4.59 2.54 9.72
CA TYR A 247 3.18 2.79 10.14
C TYR A 247 3.09 3.08 11.65
N GLU A 248 2.28 4.08 12.02
CA GLU A 248 1.89 4.30 13.40
C GLU A 248 0.41 3.99 13.56
N ILE A 249 0.12 2.89 14.24
CA ILE A 249 -1.23 2.41 14.51
C ILE A 249 -1.32 2.33 16.04
N PRO A 250 -2.25 3.07 16.67
CA PRO A 250 -2.28 3.19 18.11
C PRO A 250 -2.86 1.95 18.82
N GLU A 251 -3.72 1.19 18.15
CA GLU A 251 -4.39 0.06 18.78
C GLU A 251 -4.51 -1.10 17.80
N TYR A 252 -3.85 -2.22 18.13
CA TYR A 252 -3.84 -3.37 17.23
C TYR A 252 -5.03 -4.27 17.61
N GLY A 253 -5.65 -3.95 18.73
CA GLY A 253 -6.77 -4.71 19.25
C GLY A 253 -8.10 -4.21 18.69
N ILE A 254 -8.24 -4.32 17.37
CA ILE A 254 -9.44 -3.84 16.65
C ILE A 254 -9.85 -4.93 15.66
N GLU A 255 -11.11 -5.32 15.70
CA GLU A 255 -11.65 -6.35 14.79
C GLU A 255 -11.50 -6.08 13.31
N SER A 256 -11.67 -4.83 12.94
CA SER A 256 -11.71 -4.49 11.55
C SER A 256 -10.38 -3.90 11.08
N LEU A 257 -9.34 -4.15 11.88
CA LEU A 257 -8.04 -3.62 11.55
C LEU A 257 -7.57 -3.95 10.12
N PRO A 258 -7.79 -5.18 9.69
CA PRO A 258 -7.34 -5.59 8.36
C PRO A 258 -8.19 -5.00 7.25
N MET A 259 -9.34 -4.43 7.60
CA MET A 259 -10.14 -3.66 6.68
C MET A 259 -9.80 -2.17 6.75
N GLY A 260 -8.80 -1.82 7.54
CA GLY A 260 -8.32 -0.45 7.59
C GLY A 260 -8.99 0.32 8.70
N GLY A 261 -9.76 -0.36 9.54
CA GLY A 261 -10.35 0.28 10.72
C GLY A 261 -9.26 0.49 11.77
N GLY A 262 -9.20 1.72 12.29
CA GLY A 262 -8.19 2.10 13.27
C GLY A 262 -6.87 2.56 12.67
N ILE A 263 -6.85 2.69 11.34
CA ILE A 263 -5.66 3.15 10.66
C ILE A 263 -5.90 4.39 9.82
N GLU A 264 -5.01 5.38 9.88
CA GLU A 264 -5.06 6.52 8.99
C GLU A 264 -3.65 6.77 8.46
N VAL A 265 -3.48 6.94 7.15
CA VAL A 265 -2.14 7.01 6.58
C VAL A 265 -2.12 8.10 5.53
N THR A 266 -0.96 8.72 5.31
CA THR A 266 -0.75 9.51 4.11
C THR A 266 -0.52 8.56 2.92
N VAL A 267 -0.65 9.12 1.73
CA VAL A 267 -0.42 8.34 0.51
C VAL A 267 1.07 8.03 0.41
N ALA A 268 1.92 8.97 0.81
CA ALA A 268 3.37 8.71 0.75
C ALA A 268 3.70 7.51 1.69
N GLN A 269 3.09 7.47 2.88
CA GLN A 269 3.41 6.41 3.84
C GLN A 269 2.94 5.08 3.29
N HIS A 270 1.69 5.07 2.79
CA HIS A 270 1.08 3.84 2.33
C HIS A 270 1.77 3.36 1.06
N THR A 271 2.19 4.29 0.20
CA THR A 271 3.01 3.94 -0.94
C THR A 271 4.26 3.13 -0.52
N ASN A 272 4.85 3.54 0.61
CA ASN A 272 6.03 2.89 1.12
C ASN A 272 5.73 1.44 1.54
N GLY A 273 4.51 1.13 1.99
CA GLY A 273 4.22 -0.28 2.31
C GLY A 273 4.20 -1.16 1.08
N TYR A 274 3.53 -0.68 0.03
CA TYR A 274 3.46 -1.46 -1.19
C TYR A 274 4.86 -1.51 -1.85
N GLN A 275 5.69 -0.48 -1.62
CA GLN A 275 7.08 -0.56 -2.04
C GLN A 275 7.78 -1.76 -1.42
N THR A 276 7.46 -2.01 -0.16
CA THR A 276 8.08 -3.12 0.52
C THR A 276 7.73 -4.46 -0.13
N LEU A 277 6.45 -4.65 -0.41
CA LEU A 277 6.01 -5.88 -1.09
C LEU A 277 6.66 -6.00 -2.45
N ALA A 278 6.60 -4.93 -3.21
CA ALA A 278 7.15 -4.94 -4.58
C ALA A 278 8.64 -5.25 -4.61
N ASN A 279 9.38 -4.70 -3.65
CA ASN A 279 10.84 -4.90 -3.61
C ASN A 279 11.25 -6.22 -2.91
N ASN A 280 10.46 -7.27 -3.10
CA ASN A 280 10.71 -8.58 -2.52
C ASN A 280 10.91 -8.56 -1.00
N GLY A 281 10.19 -7.69 -0.33
CA GLY A 281 10.03 -7.74 1.12
C GLY A 281 10.98 -6.78 1.83
N VAL A 282 11.83 -6.10 1.04
CA VAL A 282 12.82 -5.18 1.63
C VAL A 282 12.32 -3.73 1.57
N TYR A 283 12.09 -3.18 2.76
CA TYR A 283 11.72 -1.78 2.98
C TYR A 283 12.92 -0.81 2.77
N HIS A 284 12.65 0.29 2.06
CA HIS A 284 13.53 1.46 1.97
C HIS A 284 12.68 2.67 2.35
N GLN A 285 13.11 3.40 3.37
CA GLN A 285 12.39 4.57 3.80
C GLN A 285 12.13 5.65 2.74
N LYS A 286 10.87 6.04 2.62
CA LYS A 286 10.49 7.11 1.66
C LYS A 286 11.27 8.40 2.01
N HIS A 287 11.56 9.20 0.99
CA HIS A 287 12.23 10.47 1.20
C HIS A 287 12.03 11.30 -0.07
N VAL A 288 11.90 12.61 0.11
CA VAL A 288 11.89 13.55 -1.00
C VAL A 288 13.16 14.42 -0.99
N ILE A 289 13.88 14.47 0.13
CA ILE A 289 15.15 15.22 0.15
C ILE A 289 16.31 14.23 0.18
N SER A 290 17.31 14.40 -0.67
CA SER A 290 18.41 13.44 -0.66
C SER A 290 19.67 14.05 0.02
N LYS A 291 19.84 15.37 -0.09
CA LYS A 291 21.03 16.03 0.42
C LYS A 291 20.73 17.50 0.59
N ILE A 292 21.30 18.08 1.64
CA ILE A 292 21.38 19.53 1.79
C ILE A 292 22.84 19.94 1.99
N GLU A 293 23.35 20.83 1.14
CA GLU A 293 24.74 21.31 1.25
C GLU A 293 24.76 22.82 1.39
N ALA A 294 25.72 23.32 2.17
CA ALA A 294 26.00 24.74 2.27
C ALA A 294 26.71 25.15 1.00
N ALA A 295 26.73 26.45 0.76
CA ALA A 295 27.34 27.01 -0.43
C ALA A 295 28.78 26.46 -0.58
N ASP A 296 29.48 26.29 0.56
CA ASP A 296 30.88 25.82 0.56
C ASP A 296 31.06 24.30 0.44
N GLY A 297 29.97 23.54 0.41
CA GLY A 297 30.07 22.10 0.28
C GLY A 297 29.76 21.32 1.54
N ARG A 298 29.88 21.95 2.70
CA ARG A 298 29.57 21.25 3.94
C ARG A 298 28.24 20.51 3.78
N VAL A 299 28.26 19.19 3.96
CA VAL A 299 27.03 18.44 4.01
C VAL A 299 26.28 18.59 5.32
N VAL A 300 25.15 19.26 5.26
CA VAL A 300 24.30 19.53 6.39
C VAL A 300 23.33 18.38 6.72
N TYR A 301 22.85 17.70 5.67
CA TYR A 301 21.96 16.54 5.74
C TYR A 301 22.15 15.63 4.53
N GLU A 302 22.03 14.33 4.77
CA GLU A 302 22.17 13.37 3.71
C GLU A 302 21.41 12.11 4.03
N TYR A 303 20.59 11.66 3.09
CA TYR A 303 19.72 10.51 3.34
C TYR A 303 20.63 9.31 3.51
N GLN A 304 20.39 8.59 4.59
CA GLN A 304 21.14 7.37 4.91
CA GLN A 304 21.13 7.36 4.88
C GLN A 304 20.21 6.16 4.69
N ASP A 305 20.49 5.34 3.69
CA ASP A 305 19.58 4.23 3.40
C ASP A 305 19.69 3.11 4.44
N LYS A 306 18.58 2.69 5.03
CA LYS A 306 18.58 1.64 6.05
C LYS A 306 17.60 0.51 5.65
N PRO A 307 18.01 -0.34 4.72
CA PRO A 307 17.11 -1.37 4.20
C PRO A 307 16.73 -2.44 5.25
N VAL A 308 15.47 -2.85 5.26
CA VAL A 308 15.01 -3.84 6.25
C VAL A 308 14.18 -4.96 5.60
N GLN A 309 14.54 -6.23 5.88
CA GLN A 309 13.78 -7.37 5.35
C GLN A 309 12.52 -7.57 6.17
N VAL A 310 11.41 -6.98 5.76
CA VAL A 310 10.16 -7.05 6.54
C VAL A 310 9.41 -8.37 6.34
N TYR A 311 9.28 -8.79 5.09
CA TYR A 311 8.75 -10.11 4.75
C TYR A 311 9.89 -10.90 4.12
N SER A 312 9.81 -12.21 4.23
CA SER A 312 10.74 -13.08 3.53
C SER A 312 10.55 -12.88 2.03
N LYS A 313 11.60 -13.14 1.24
CA LYS A 313 11.51 -13.14 -0.22
C LYS A 313 10.40 -14.08 -0.74
N ALA A 314 10.26 -15.24 -0.10
CA ALA A 314 9.16 -16.14 -0.43
C ALA A 314 7.81 -15.42 -0.30
N THR A 315 7.61 -14.80 0.86
CA THR A 315 6.34 -14.16 1.16
C THR A 315 5.97 -13.12 0.15
N ALA A 316 6.91 -12.25 -0.17
CA ALA A 316 6.64 -11.09 -1.00
C ALA A 316 6.34 -11.52 -2.45
N THR A 317 7.13 -12.48 -2.95
CA THR A 317 6.98 -12.95 -4.30
C THR A 317 5.70 -13.76 -4.49
N ILE A 318 5.28 -14.44 -3.42
CA ILE A 318 3.99 -15.10 -3.45
C ILE A 318 2.85 -14.07 -3.46
N MET A 319 2.94 -13.07 -2.58
CA MET A 319 1.99 -11.96 -2.65
C MET A 319 1.99 -11.19 -3.99
N GLN A 320 3.16 -10.92 -4.55
CA GLN A 320 3.23 -10.29 -5.86
C GLN A 320 2.31 -11.05 -6.82
N GLY A 321 2.38 -12.39 -6.82
CA GLY A 321 1.63 -13.22 -7.76
C GLY A 321 0.12 -13.16 -7.52
N LEU A 322 -0.27 -12.95 -6.26
CA LEU A 322 -1.70 -12.79 -5.97
C LEU A 322 -2.24 -11.44 -6.48
N LEU A 323 -1.45 -10.38 -6.29
CA LEU A 323 -1.87 -9.05 -6.69
C LEU A 323 -1.84 -8.78 -8.18
N ARG A 324 -1.04 -9.53 -8.93
CA ARG A 324 -1.15 -9.54 -10.37
C ARG A 324 -2.57 -9.93 -10.78
N GLU A 325 -3.16 -10.95 -10.15
CA GLU A 325 -4.49 -11.40 -10.59
C GLU A 325 -5.59 -10.48 -10.05
N VAL A 326 -5.31 -9.77 -8.96
CA VAL A 326 -6.27 -8.75 -8.50
C VAL A 326 -6.54 -7.74 -9.61
N LEU A 327 -5.51 -7.32 -10.34
CA LEU A 327 -5.72 -6.39 -11.46
C LEU A 327 -6.24 -7.08 -12.72
N SER A 328 -5.60 -8.18 -13.10
CA SER A 328 -6.04 -9.02 -14.20
C SER A 328 -7.50 -9.37 -14.14
N SER A 329 -7.97 -9.80 -12.97
CA SER A 329 -9.33 -10.34 -12.89
C SER A 329 -10.32 -9.23 -13.21
N ARG A 330 -9.90 -7.99 -13.04
CA ARG A 330 -10.78 -6.81 -13.23
C ARG A 330 -12.04 -6.70 -12.37
N VAL A 331 -12.08 -7.40 -11.24
CA VAL A 331 -13.28 -7.41 -10.39
C VAL A 331 -13.52 -6.09 -9.64
N THR A 332 -12.47 -5.48 -9.07
CA THR A 332 -12.66 -4.25 -8.29
C THR A 332 -12.07 -3.02 -8.96
N THR A 333 -11.52 -3.21 -10.15
CA THR A 333 -10.90 -2.10 -10.85
C THR A 333 -10.84 -2.38 -12.35
N THR A 334 -11.12 -1.34 -13.14
CA THR A 334 -11.08 -1.45 -14.57
C THR A 334 -9.71 -1.10 -15.08
N PHE A 335 -8.77 -0.90 -14.15
CA PHE A 335 -7.44 -0.38 -14.55
C PHE A 335 -6.77 -1.04 -15.79
N LYS A 336 -6.61 -2.36 -15.83
CA LYS A 336 -5.90 -2.99 -16.94
C LYS A 336 -6.61 -2.75 -18.24
N SER A 337 -7.95 -2.70 -18.22
CA SER A 337 -8.73 -2.38 -19.44
C SER A 337 -8.41 -0.94 -19.85
N ASN A 338 -8.46 -0.01 -18.90
CA ASN A 338 -8.23 1.41 -19.20
C ASN A 338 -6.84 1.58 -19.82
N LEU A 339 -5.84 0.99 -19.16
CA LEU A 339 -4.43 1.06 -19.61
C LEU A 339 -4.16 0.38 -20.93
N THR A 340 -4.77 -0.79 -21.12
CA THR A 340 -4.63 -1.49 -22.39
C THR A 340 -5.00 -0.59 -23.57
N SER A 341 -6.09 0.17 -23.45
CA SER A 341 -6.52 1.05 -24.51
C SER A 341 -5.56 2.20 -24.73
N LEU A 342 -5.13 2.82 -23.64
CA LEU A 342 -4.25 3.98 -23.75
C LEU A 342 -2.86 3.62 -24.27
N ASN A 343 -2.32 2.48 -23.87
CA ASN A 343 -0.91 2.15 -24.16
C ASN A 343 -0.67 0.66 -23.91
N PRO A 344 -1.04 -0.17 -24.89
CA PRO A 344 -1.07 -1.61 -24.69
C PRO A 344 0.32 -2.17 -24.37
N THR A 345 1.37 -1.53 -24.90
CA THR A 345 2.72 -1.97 -24.55
C THR A 345 3.07 -1.74 -23.10
N LEU A 346 2.69 -0.58 -22.55
CA LEU A 346 2.79 -0.40 -21.08
C LEU A 346 1.90 -1.37 -20.30
N ALA A 347 0.73 -1.71 -20.85
CA ALA A 347 -0.22 -2.56 -20.10
C ALA A 347 0.32 -3.98 -20.02
N ASN A 348 1.23 -4.29 -20.93
CA ASN A 348 1.96 -5.56 -20.87
C ASN A 348 3.13 -5.67 -19.89
N ALA A 349 3.57 -4.55 -19.31
CA ALA A 349 4.52 -4.57 -18.20
C ALA A 349 3.89 -5.37 -17.08
N ASP A 350 4.66 -5.69 -16.04
CA ASP A 350 4.17 -6.57 -15.01
C ASP A 350 3.48 -5.85 -13.84
N TRP A 351 2.25 -5.42 -14.02
CA TRP A 351 1.51 -4.65 -13.01
C TRP A 351 0.91 -5.58 -11.95
N ILE A 352 1.04 -5.20 -10.69
CA ILE A 352 0.31 -5.84 -9.58
C ILE A 352 -0.32 -4.70 -8.78
N GLY A 353 -1.38 -4.96 -8.01
CA GLY A 353 -2.03 -3.84 -7.37
C GLY A 353 -3.14 -4.27 -6.44
N LYS A 354 -3.70 -3.32 -5.72
CA LYS A 354 -4.80 -3.60 -4.80
C LYS A 354 -5.62 -2.34 -4.66
N THR A 355 -6.94 -2.51 -4.61
CA THR A 355 -7.88 -1.41 -4.46
C THR A 355 -8.33 -1.29 -3.00
N GLY A 356 -8.95 -0.16 -2.65
CA GLY A 356 -9.63 -0.10 -1.34
C GLY A 356 -10.78 0.86 -1.28
N THR A 357 -11.78 0.56 -0.46
CA THR A 357 -12.96 1.42 -0.36
C THR A 357 -13.41 1.52 1.09
N THR A 358 -13.59 2.73 1.62
CA THR A 358 -14.04 2.85 2.99
C THR A 358 -15.55 2.63 3.07
N GLY A 359 -16.03 2.54 4.30
CA GLY A 359 -17.42 2.16 4.59
C GLY A 359 -18.52 2.96 3.93
N GLN A 360 -18.36 4.28 3.80
CA GLN A 360 -19.45 5.00 3.15
C GLN A 360 -18.99 5.52 1.80
N ASP A 361 -18.06 4.78 1.18
CA ASP A 361 -17.50 5.15 -0.12
C ASP A 361 -16.86 6.51 0.04
N GLU A 362 -16.33 6.74 1.23
CA GLU A 362 -15.65 7.97 1.61
C GLU A 362 -14.23 8.09 1.05
N ASN A 363 -13.54 6.97 0.89
CA ASN A 363 -12.18 6.95 0.37
C ASN A 363 -11.99 5.82 -0.62
N MET A 364 -11.30 6.11 -1.74
CA MET A 364 -10.93 5.05 -2.67
C MET A 364 -9.42 5.10 -2.85
N TRP A 365 -8.81 3.92 -2.88
CA TRP A 365 -7.38 3.78 -3.12
C TRP A 365 -7.14 2.81 -4.26
N LEU A 366 -6.11 3.07 -5.03
CA LEU A 366 -5.55 2.09 -5.89
C LEU A 366 -4.07 2.20 -5.73
N MET A 367 -3.46 1.06 -5.42
CA MET A 367 -2.02 0.94 -5.26
C MET A 367 -1.49 0.07 -6.36
N LEU A 368 -0.53 0.58 -7.14
CA LEU A 368 0.01 -0.13 -8.31
C LEU A 368 1.51 -0.28 -8.19
N SER A 369 2.06 -1.40 -8.66
CA SER A 369 3.51 -1.58 -8.74
C SER A 369 3.94 -2.28 -10.04
N THR A 370 5.07 -1.85 -10.60
CA THR A 370 5.95 -2.73 -11.42
C THR A 370 7.15 -3.16 -10.59
N PRO A 371 8.01 -4.08 -11.07
CA PRO A 371 9.18 -4.41 -10.24
C PRO A 371 9.98 -3.14 -9.93
N ARG A 372 9.95 -2.17 -10.84
CA ARG A 372 10.74 -0.96 -10.65
C ARG A 372 10.08 0.14 -9.81
N LEU A 373 8.83 0.48 -10.08
CA LEU A 373 8.15 1.60 -9.38
C LEU A 373 6.89 1.19 -8.64
N THR A 374 6.57 1.92 -7.57
CA THR A 374 5.20 1.87 -7.01
C THR A 374 4.47 3.20 -7.12
N LEU A 375 3.17 3.17 -7.43
CA LEU A 375 2.40 4.40 -7.51
C LEU A 375 1.18 4.27 -6.61
N GLY A 376 1.10 5.10 -5.59
CA GLY A 376 -0.06 5.00 -4.69
C GLY A 376 -1.08 6.02 -5.12
N GLY A 377 -2.36 5.72 -4.98
CA GLY A 377 -3.39 6.72 -5.26
C GLY A 377 -4.59 6.68 -4.32
N TRP A 378 -5.06 7.85 -3.96
CA TRP A 378 -6.22 8.01 -3.11
C TRP A 378 -7.09 9.07 -3.80
N ILE A 379 -8.39 8.93 -3.65
CA ILE A 379 -9.30 10.02 -3.94
C ILE A 379 -10.33 10.10 -2.84
N GLY A 380 -10.92 11.27 -2.69
CA GLY A 380 -11.95 11.50 -1.68
C GLY A 380 -12.28 12.98 -1.60
N HIS A 381 -13.06 13.34 -0.57
CA HIS A 381 -13.46 14.71 -0.30
C HIS A 381 -12.78 15.22 1.00
N ASP A 382 -12.40 16.48 1.04
CA ASP A 382 -11.76 17.01 2.24
C ASP A 382 -12.68 16.92 3.45
N ASP A 383 -13.98 17.18 3.27
CA ASP A 383 -14.94 16.99 4.38
C ASP A 383 -15.41 15.53 4.69
N ASN A 384 -14.84 14.53 4.02
CA ASN A 384 -15.15 13.14 4.34
CA ASN A 384 -15.13 13.11 4.30
C ASN A 384 -16.52 12.62 3.89
N HIS A 385 -17.22 13.38 3.05
CA HIS A 385 -18.49 12.88 2.52
C HIS A 385 -18.36 11.81 1.43
N SER A 386 -19.44 11.08 1.21
CA SER A 386 -19.43 9.87 0.38
C SER A 386 -19.09 10.17 -1.09
N LEU A 387 -18.29 9.30 -1.71
CA LEU A 387 -18.20 9.21 -3.18
C LEU A 387 -19.28 8.27 -3.76
N SER A 388 -19.40 8.24 -5.08
CA SER A 388 -20.35 7.33 -5.76
C SER A 388 -19.84 5.91 -5.61
N GLN A 389 -20.72 4.94 -5.85
CA GLN A 389 -20.35 3.55 -5.64
C GLN A 389 -19.19 3.16 -6.51
N GLN A 390 -19.06 3.82 -7.66
CA GLN A 390 -18.09 3.36 -8.67
C GLN A 390 -16.85 4.22 -8.74
N ALA A 391 -16.71 5.18 -7.83
CA ALA A 391 -15.62 6.13 -7.92
C ALA A 391 -14.27 5.42 -7.98
N GLY A 392 -14.11 4.36 -7.17
CA GLY A 392 -12.84 3.62 -7.13
C GLY A 392 -12.69 2.68 -8.32
N TYR A 393 -13.71 1.84 -8.52
CA TYR A 393 -13.72 0.80 -9.56
C TYR A 393 -13.43 1.38 -10.94
N SER A 394 -14.04 2.53 -11.20
CA SER A 394 -14.03 3.10 -12.52
C SER A 394 -13.25 4.42 -12.64
N ASN A 395 -13.78 5.51 -12.06
CA ASN A 395 -13.13 6.84 -12.23
C ASN A 395 -11.66 6.86 -11.85
N ASN A 396 -11.33 6.38 -10.66
CA ASN A 396 -9.94 6.45 -10.20
C ASN A 396 -9.03 5.51 -11.00
N SER A 397 -9.56 4.35 -11.39
CA SER A 397 -8.77 3.47 -12.25
C SER A 397 -8.45 4.15 -13.57
N ASN A 398 -9.44 4.89 -14.10
CA ASN A 398 -9.23 5.53 -15.41
C ASN A 398 -8.25 6.69 -15.28
N TYR A 399 -8.48 7.53 -14.29
CA TYR A 399 -7.53 8.60 -13.97
C TYR A 399 -6.11 8.04 -13.83
N MET A 400 -5.96 7.03 -12.98
CA MET A 400 -4.63 6.44 -12.78
C MET A 400 -3.98 5.83 -13.99
N ALA A 401 -4.80 5.27 -14.89
CA ALA A 401 -4.32 4.81 -16.17
C ALA A 401 -3.69 5.95 -16.99
N HIS A 402 -4.41 7.07 -17.11
CA HIS A 402 -3.86 8.26 -17.75
C HIS A 402 -2.59 8.72 -17.07
N LEU A 403 -2.56 8.66 -15.74
CA LEU A 403 -1.43 9.19 -14.98
C LEU A 403 -0.17 8.33 -15.27
N VAL A 404 -0.37 7.02 -15.32
CA VAL A 404 0.70 6.06 -15.54
C VAL A 404 1.24 6.20 -16.98
N ASN A 405 0.31 6.44 -17.91
CA ASN A 405 0.65 6.69 -19.32
C ASN A 405 1.49 7.95 -19.45
N ALA A 406 1.02 9.00 -18.77
CA ALA A 406 1.71 10.30 -18.79
C ALA A 406 3.18 10.16 -18.31
N ILE A 407 3.36 9.39 -17.25
CA ILE A 407 4.67 9.11 -16.66
C ILE A 407 5.57 8.34 -17.65
N GLN A 408 5.03 7.29 -18.25
CA GLN A 408 5.77 6.56 -19.28
C GLN A 408 6.20 7.43 -20.45
N GLN A 409 5.32 8.35 -20.88
CA GLN A 409 5.67 9.12 -22.07
C GLN A 409 6.75 10.13 -21.72
N ALA A 410 6.76 10.57 -20.46
CA ALA A 410 7.80 11.52 -20.04
C ALA A 410 9.15 10.81 -19.81
N SER A 411 9.12 9.56 -19.37
CA SER A 411 10.36 8.80 -19.12
C SER A 411 10.17 7.36 -19.58
N PRO A 412 10.39 7.13 -20.88
CA PRO A 412 9.96 5.86 -21.49
C PRO A 412 10.38 4.58 -20.79
N SER A 413 11.57 4.55 -20.17
CA SER A 413 12.01 3.30 -19.51
C SER A 413 11.67 3.15 -18.01
N ILE A 414 10.98 4.13 -17.45
CA ILE A 414 10.95 4.24 -15.98
C ILE A 414 10.17 3.10 -15.32
N TRP A 415 9.16 2.60 -16.00
CA TRP A 415 8.33 1.54 -15.41
C TRP A 415 9.02 0.17 -15.49
N GLY A 416 9.87 0.02 -16.51
CA GLY A 416 10.67 -1.20 -16.73
C GLY A 416 9.88 -2.31 -17.38
N ASN A 417 10.57 -3.35 -17.85
CA ASN A 417 9.93 -4.48 -18.55
C ASN A 417 10.20 -5.78 -17.82
N GLU A 418 10.74 -5.69 -16.60
CA GLU A 418 11.12 -6.88 -15.82
C GLU A 418 9.83 -7.51 -15.34
N ARG A 419 9.87 -8.81 -14.99
CA ARG A 419 8.72 -9.51 -14.44
C ARG A 419 8.97 -9.77 -12.95
N PHE A 420 7.94 -9.70 -12.12
CA PHE A 420 7.96 -10.31 -10.78
C PHE A 420 8.08 -11.84 -10.91
N ALA A 421 8.86 -12.49 -10.05
CA ALA A 421 8.97 -13.95 -10.12
C ALA A 421 9.13 -14.52 -8.74
N LEU A 422 8.69 -15.75 -8.56
CA LEU A 422 8.84 -16.44 -7.27
C LEU A 422 10.31 -16.60 -6.89
N ASP A 423 10.63 -16.26 -5.64
CA ASP A 423 11.96 -16.57 -5.11
C ASP A 423 12.20 -18.08 -5.08
N PRO A 424 13.46 -18.50 -5.24
CA PRO A 424 13.78 -19.93 -5.18
C PRO A 424 13.33 -20.53 -3.85
N SER A 425 13.28 -19.72 -2.80
CA SER A 425 13.03 -20.25 -1.47
C SER A 425 11.55 -20.60 -1.29
N VAL A 426 10.74 -20.27 -2.30
CA VAL A 426 9.34 -20.64 -2.27
C VAL A 426 9.18 -22.15 -2.39
N VAL A 427 8.45 -22.71 -1.43
CA VAL A 427 8.07 -24.11 -1.39
C VAL A 427 6.74 -24.37 -2.10
N LYS A 428 6.62 -25.49 -2.80
CA LYS A 428 5.48 -25.76 -3.65
C LYS A 428 4.83 -27.07 -3.29
N SER A 429 3.61 -27.04 -2.78
CA SER A 429 2.91 -28.30 -2.50
C SER A 429 1.64 -28.49 -3.32
N GLU A 430 1.42 -29.73 -3.72
CA GLU A 430 0.17 -30.13 -4.35
C GLU A 430 -0.87 -30.26 -3.27
N VAL A 431 -1.92 -29.45 -3.35
CA VAL A 431 -3.06 -29.58 -2.45
C VAL A 431 -4.36 -29.86 -3.20
N LEU A 432 -5.36 -30.35 -2.47
CA LEU A 432 -6.75 -30.41 -2.96
C LEU A 432 -7.32 -29.02 -3.21
N LYS A 433 -7.90 -28.85 -4.40
CA LYS A 433 -8.58 -27.60 -4.73
C LYS A 433 -9.61 -27.31 -3.66
N SER A 434 -10.31 -28.36 -3.22
CA SER A 434 -11.41 -28.23 -2.28
C SER A 434 -10.98 -27.81 -0.88
N THR A 435 -9.86 -28.30 -0.38
CA THR A 435 -9.54 -28.02 1.02
C THR A 435 -8.33 -27.14 1.18
N GLY A 436 -7.64 -26.86 0.08
CA GLY A 436 -6.44 -26.03 0.13
C GLY A 436 -5.34 -26.78 0.86
N GLN A 437 -5.54 -28.08 1.01
CA GLN A 437 -4.66 -28.90 1.87
C GLN A 437 -4.33 -30.24 1.23
N LYS A 438 -3.30 -30.90 1.75
CA LYS A 438 -2.85 -32.19 1.18
C LYS A 438 -3.82 -33.31 1.41
N PRO A 439 -3.91 -34.22 0.41
CA PRO A 439 -4.76 -35.41 0.47
C PRO A 439 -4.44 -36.31 1.66
N GLY A 440 -5.55 -36.93 2.22
CA GLY A 440 -5.39 -37.73 3.44
C GLY A 440 -6.73 -38.31 3.88
N LYS A 441 -6.69 -39.05 5.04
CA LYS A 441 -7.93 -39.30 5.79
C LYS A 441 -8.20 -38.09 6.76
N VAL A 442 -9.65 -38.15 7.23
CA VAL A 442 -10.17 -37.02 8.04
C VAL A 442 -11.51 -37.48 8.65
N SER A 443 -11.88 -36.89 9.81
CA SER A 443 -13.09 -37.30 10.52
C SER A 443 -14.31 -36.37 10.36
N VAL A 444 -15.34 -36.86 9.63
CA VAL A 444 -16.66 -36.22 9.58
C VAL A 444 -17.76 -37.11 10.18
N GLU A 445 -18.25 -36.73 11.38
CA GLU A 445 -19.22 -37.53 12.17
C GLU A 445 -19.38 -38.92 11.60
N GLY A 446 -18.92 -39.91 12.38
CA GLY A 446 -18.81 -41.30 11.91
C GLY A 446 -17.75 -41.40 10.83
N LYS A 447 -18.02 -42.20 9.79
CA LYS A 447 -17.36 -42.06 8.48
C LYS A 447 -16.18 -41.08 8.44
N GLU A 448 -14.96 -41.61 8.66
CA GLU A 448 -13.73 -40.85 8.38
C GLU A 448 -13.25 -41.06 6.94
N VAL A 449 -13.11 -39.96 6.20
CA VAL A 449 -13.06 -40.00 4.74
C VAL A 449 -11.64 -40.06 4.18
N GLU A 450 -11.45 -40.93 3.18
CA GLU A 450 -10.42 -40.70 2.18
C GLU A 450 -10.81 -39.51 1.31
N VAL A 451 -9.94 -38.52 1.26
CA VAL A 451 -10.28 -37.23 0.69
C VAL A 451 -9.66 -37.02 -0.69
N THR A 452 -10.42 -37.47 -1.71
CA THR A 452 -10.03 -37.40 -3.11
C THR A 452 -10.37 -36.05 -3.73
N GLY A 453 -10.17 -35.94 -5.04
CA GLY A 453 -10.62 -34.76 -5.81
C GLY A 453 -9.48 -34.12 -6.58
N SER A 454 -9.83 -33.18 -7.47
CA SER A 454 -8.81 -32.49 -8.25
C SER A 454 -7.99 -31.53 -7.39
N THR A 455 -6.80 -31.15 -7.89
CA THR A 455 -5.80 -30.46 -7.05
C THR A 455 -5.06 -29.29 -7.73
N VAL A 456 -4.17 -28.65 -6.99
CA VAL A 456 -3.40 -27.50 -7.48
C VAL A 456 -2.09 -27.33 -6.70
N THR A 457 -1.20 -26.51 -7.25
CA THR A 457 0.07 -26.20 -6.62
C THR A 457 -0.10 -24.97 -5.75
N SER A 458 0.17 -25.10 -4.46
CA SER A 458 0.03 -24.00 -3.55
C SER A 458 1.41 -23.53 -3.13
N TYR A 459 1.64 -22.21 -3.14
CA TYR A 459 2.93 -21.66 -2.74
C TYR A 459 2.95 -21.33 -1.27
N TRP A 460 3.92 -21.86 -0.54
CA TRP A 460 4.10 -21.49 0.86
C TRP A 460 5.44 -20.84 1.17
N ALA A 461 5.53 -20.15 2.32
CA ALA A 461 6.75 -19.43 2.68
C ALA A 461 7.39 -20.02 3.94
N ASN A 462 7.03 -21.24 4.31
CA ASN A 462 7.61 -21.91 5.46
C ASN A 462 8.64 -22.90 4.96
N LYS A 463 8.98 -23.91 5.76
CA LYS A 463 9.91 -24.94 5.33
C LYS A 463 9.21 -26.23 4.84
N SER A 464 8.10 -26.61 5.47
CA SER A 464 7.40 -27.85 5.13
C SER A 464 6.29 -27.72 4.07
N GLY A 465 5.79 -26.50 3.84
CA GLY A 465 4.68 -26.28 2.90
C GLY A 465 3.30 -26.70 3.53
N ALA A 466 2.36 -27.04 2.62
CA ALA A 466 0.98 -27.40 3.03
C ALA A 466 0.90 -28.55 4.01
N PRO A 467 -0.02 -28.45 4.99
CA PRO A 467 -0.26 -29.57 5.89
C PRO A 467 -1.15 -30.64 5.27
N ALA A 468 -1.15 -31.83 5.90
CA ALA A 468 -2.14 -32.85 5.56
C ALA A 468 -3.51 -32.23 5.74
N THR A 469 -4.52 -32.74 5.00
CA THR A 469 -5.87 -32.19 5.17
C THR A 469 -6.39 -32.56 6.59
N SER A 470 -7.04 -31.57 7.27
CA SER A 470 -7.75 -31.86 8.56
C SER A 470 -9.13 -31.19 8.51
N TYR A 471 -10.00 -31.56 9.47
CA TYR A 471 -11.41 -31.14 9.40
C TYR A 471 -11.57 -29.63 9.29
N ARG A 472 -11.05 -28.89 10.32
CA ARG A 472 -11.03 -27.44 10.28
C ARG A 472 -10.04 -26.92 9.23
N PHE A 473 -10.37 -27.12 7.96
CA PHE A 473 -9.38 -26.93 6.90
C PHE A 473 -9.20 -25.47 6.51
N ALA A 474 -10.23 -24.66 6.70
CA ALA A 474 -10.23 -23.28 6.21
C ALA A 474 -9.56 -22.38 7.22
N ILE A 475 -9.37 -21.12 6.85
CA ILE A 475 -9.14 -20.05 7.84
C ILE A 475 -10.48 -19.52 8.32
N GLY A 476 -10.76 -19.70 9.61
CA GLY A 476 -12.04 -19.29 10.18
C GLY A 476 -13.17 -20.27 9.90
N GLY A 477 -14.32 -20.02 10.53
CA GLY A 477 -15.58 -20.66 10.14
C GLY A 477 -16.27 -21.24 11.36
N SER A 478 -17.60 -21.38 11.30
CA SER A 478 -18.36 -21.95 12.43
C SER A 478 -18.59 -23.45 12.25
N ASP A 479 -19.10 -24.12 13.29
CA ASP A 479 -19.37 -25.55 13.21
C ASP A 479 -20.46 -25.83 12.16
N ALA A 480 -21.44 -24.80 12.05
CA ALA A 480 -22.44 -24.95 10.98
C ALA A 480 -21.66 -24.96 9.70
N ASP A 481 -20.79 -23.94 9.60
CA ASP A 481 -20.07 -23.67 8.36
C ASP A 481 -19.40 -24.93 7.82
N TYR A 482 -18.55 -25.57 8.67
CA TYR A 482 -17.82 -26.76 8.25
C TYR A 482 -18.74 -27.94 7.91
N GLN A 483 -19.91 -28.00 8.56
CA GLN A 483 -20.93 -29.00 8.25
C GLN A 483 -21.40 -28.89 6.80
N ASN A 484 -21.98 -27.73 6.45
CA ASN A 484 -22.36 -27.44 5.08
C ASN A 484 -21.25 -27.74 4.07
N ALA A 485 -20.03 -27.33 4.41
CA ALA A 485 -18.91 -27.40 3.49
C ALA A 485 -18.56 -28.85 3.21
N TRP A 486 -18.28 -29.59 4.28
CA TRP A 486 -17.86 -30.98 4.12
C TRP A 486 -19.01 -31.74 3.46
N SER A 487 -20.23 -31.34 3.77
CA SER A 487 -21.40 -32.02 3.22
C SER A 487 -21.42 -31.84 1.71
N SER A 488 -21.15 -30.61 1.29
CA SER A 488 -21.09 -30.27 -0.13
C SER A 488 -19.87 -30.91 -0.80
N ILE A 489 -18.74 -30.92 -0.09
CA ILE A 489 -17.51 -31.57 -0.53
C ILE A 489 -17.66 -33.08 -0.71
N VAL A 490 -18.19 -33.76 0.31
CA VAL A 490 -18.34 -35.22 0.26
C VAL A 490 -19.29 -35.67 -0.83
N GLY A 491 -20.44 -35.00 -0.93
CA GLY A 491 -21.37 -35.23 -2.03
C GLY A 491 -20.66 -35.15 -3.38
N SER A 492 -19.43 -34.65 -3.37
CA SER A 492 -18.69 -34.48 -4.62
C SER A 492 -17.63 -35.55 -4.88
N LEU A 493 -17.57 -36.54 -4.03
CA LEU A 493 -16.58 -37.62 -4.16
C LEU A 493 -17.07 -38.74 -5.07
F15 EO9 B . -16.63 -0.24 2.86
C14 EO9 B . -17.25 -0.54 1.68
C13 EO9 B . -18.18 0.29 1.07
C12 EO9 B . -18.77 -0.08 -0.15
C11 EO9 B . -18.36 -1.25 -0.81
C8 EO9 B . -17.39 -2.03 -0.20
F9 EO9 B . -17.01 -3.19 -0.76
C7 EO9 B . -16.89 -1.69 1.04
C5 EO9 B . -15.88 -2.55 1.69
O6 EO9 B . -16.25 -3.48 2.39
N4 EO9 B . -14.59 -2.24 1.51
C3 EO9 B . -13.48 -3.10 1.88
C16 EO9 B . -13.19 -2.89 3.38
B EO9 B . -12.33 -2.72 1.02
O1 EO9 B . -12.08 -1.19 1.00
O2 EO9 B . -12.53 -3.24 -0.43
S SO4 C . 4.08 10.41 7.17
O1 SO4 C . 3.19 9.42 7.86
O2 SO4 C . 3.84 10.59 5.68
O3 SO4 C . 5.48 10.01 7.35
O4 SO4 C . 3.83 11.72 7.84
CL CL D . -2.82 -5.64 21.19
CL CL E . 0.84 -6.76 17.56
CL CL F . -4.78 -8.18 -18.10
CL CL G . 28.78 28.23 3.24
CL CL H . 1.15 5.78 9.53
CL CL I . 12.49 13.40 3.07
CL CL J . 3.36 20.54 -7.86
CL CL K . 14.31 -13.91 2.76
CL CL L . 15.31 15.75 -13.06
CL CL M . 7.96 -25.50 8.18
CL CL N . -15.23 18.65 0.62
CL CL O . 2.19 21.48 -0.09
CL CL P . 23.06 31.11 13.32
NA NA Q . -11.92 -2.09 -3.04
CL CL R . -13.25 -3.67 -17.44
#